data_7VOZ
#
_entry.id   7VOZ
#
_entity_poly.entity_id   1
_entity_poly.type   'polypeptide(L)'
_entity_poly.pdbx_seq_one_letter_code
;SWLSKTAKKLENSAKKRISEGIAIAIQGG
;
_entity_poly.pdbx_strand_id   A
#
# COMPACT_ATOMS: atom_id res chain seq x y z
N SER A 1 -5.62 19.83 -6.15
CA SER A 1 -6.50 19.07 -5.27
C SER A 1 -5.80 18.82 -3.94
N TRP A 2 -6.63 18.62 -2.91
CA TRP A 2 -6.12 18.38 -1.57
C TRP A 2 -6.11 16.87 -1.33
N LEU A 3 -7.29 16.28 -1.47
CA LEU A 3 -7.44 14.85 -1.28
C LEU A 3 -6.80 14.11 -2.45
N SER A 4 -7.48 14.13 -3.58
CA SER A 4 -6.99 13.47 -4.77
C SER A 4 -5.46 13.63 -4.87
N LYS A 5 -4.99 14.76 -4.36
CA LYS A 5 -3.57 15.05 -4.37
C LYS A 5 -2.87 14.24 -3.28
N THR A 6 -3.38 14.38 -2.07
CA THR A 6 -2.81 13.68 -0.93
C THR A 6 -3.04 12.17 -1.08
N ALA A 7 -3.86 11.82 -2.06
CA ALA A 7 -4.17 10.43 -2.30
C ALA A 7 -2.92 9.71 -2.81
N LYS A 8 -1.95 10.51 -3.24
CA LYS A 8 -0.71 9.97 -3.76
C LYS A 8 0.07 9.34 -2.60
N LYS A 9 0.19 10.10 -1.52
CA LYS A 9 0.92 9.63 -0.35
C LYS A 9 0.20 8.40 0.23
N LEU A 10 -1.12 8.51 0.31
CA LEU A 10 -1.93 7.43 0.83
C LEU A 10 -1.80 6.21 -0.08
N GLU A 11 -2.37 6.34 -1.28
CA GLU A 11 -2.33 5.27 -2.24
C GLU A 11 -0.95 4.61 -2.25
N ASN A 12 0.07 5.44 -2.09
CA ASN A 12 1.44 4.94 -2.08
C ASN A 12 1.60 3.93 -0.95
N SER A 13 1.14 4.32 0.23
CA SER A 13 1.22 3.46 1.40
C SER A 13 0.52 2.13 1.11
N ALA A 14 -0.32 2.16 0.09
CA ALA A 14 -1.07 0.96 -0.29
C ALA A 14 -0.21 0.13 -1.25
N LYS A 15 0.39 0.83 -2.20
CA LYS A 15 1.23 0.16 -3.19
C LYS A 15 2.11 -0.87 -2.49
N LYS A 16 2.50 -0.54 -1.26
CA LYS A 16 3.34 -1.42 -0.48
C LYS A 16 2.52 -2.64 -0.02
N ARG A 17 1.36 -2.34 0.56
CA ARG A 17 0.48 -3.39 1.05
C ARG A 17 0.42 -4.53 0.04
N ILE A 18 0.59 -4.18 -1.22
CA ILE A 18 0.55 -5.17 -2.29
C ILE A 18 1.81 -6.03 -2.22
N SER A 19 2.95 -5.36 -2.30
CA SER A 19 4.23 -6.05 -2.24
C SER A 19 4.39 -6.78 -0.90
N GLU A 20 3.60 -6.32 0.07
CA GLU A 20 3.64 -6.91 1.40
C GLU A 20 3.06 -8.33 1.37
N GLY A 21 2.04 -8.49 0.55
CA GLY A 21 1.39 -9.79 0.42
C GLY A 21 2.42 -10.90 0.19
N ILE A 22 3.58 -10.49 -0.32
CA ILE A 22 4.65 -11.43 -0.59
C ILE A 22 5.37 -11.77 0.72
N ALA A 23 5.75 -10.73 1.44
CA ALA A 23 6.45 -10.90 2.71
C ALA A 23 5.56 -11.70 3.66
N ILE A 24 4.26 -11.61 3.43
CA ILE A 24 3.31 -12.31 4.26
C ILE A 24 2.99 -13.66 3.64
N ALA A 25 3.24 -13.76 2.34
CA ALA A 25 3.00 -14.99 1.60
C ALA A 25 3.63 -16.16 2.36
N ILE A 26 4.63 -15.83 3.16
CA ILE A 26 5.33 -16.84 3.94
C ILE A 26 4.82 -16.81 5.38
N GLN A 27 4.33 -15.64 5.78
CA GLN A 27 3.82 -15.47 7.12
C GLN A 27 2.58 -16.33 7.32
N GLY A 28 1.97 -16.72 6.22
CA GLY A 28 0.78 -17.54 6.25
C GLY A 28 -0.46 -16.75 5.85
N GLY A 29 -0.24 -15.78 4.96
CA GLY A 29 -1.31 -14.95 4.47
C GLY A 29 -2.40 -15.79 3.80
N SER A 1 -3.48 19.99 -5.74
CA SER A 1 -4.58 19.24 -5.14
C SER A 1 -4.26 18.95 -3.66
N TRP A 2 -5.31 19.01 -2.85
CA TRP A 2 -5.16 18.75 -1.43
C TRP A 2 -5.57 17.30 -1.17
N LEU A 3 -6.80 16.98 -1.56
CA LEU A 3 -7.31 15.63 -1.38
C LEU A 3 -6.62 14.69 -2.36
N SER A 4 -7.02 14.79 -3.61
CA SER A 4 -6.44 13.95 -4.66
C SER A 4 -4.96 13.76 -4.41
N LYS A 5 -4.35 14.78 -3.82
CA LYS A 5 -2.92 14.75 -3.52
C LYS A 5 -2.69 13.84 -2.31
N THR A 6 -3.37 14.17 -1.23
CA THR A 6 -3.24 13.41 0.00
C THR A 6 -3.74 11.98 -0.20
N ALA A 7 -4.43 11.78 -1.32
CA ALA A 7 -4.97 10.47 -1.65
C ALA A 7 -3.84 9.59 -2.16
N LYS A 8 -2.97 10.18 -2.96
CA LYS A 8 -1.84 9.45 -3.52
C LYS A 8 -1.03 8.83 -2.39
N LYS A 9 -0.84 9.62 -1.34
CA LYS A 9 -0.08 9.15 -0.19
C LYS A 9 -0.67 7.84 0.31
N LEU A 10 -1.98 7.72 0.18
CA LEU A 10 -2.68 6.52 0.61
C LEU A 10 -2.49 5.43 -0.44
N GLU A 11 -2.72 5.80 -1.68
CA GLU A 11 -2.58 4.86 -2.79
C GLU A 11 -1.21 4.18 -2.73
N ASN A 12 -0.22 4.97 -2.38
CA ASN A 12 1.15 4.45 -2.29
C ASN A 12 1.21 3.38 -1.21
N SER A 13 0.62 3.70 -0.06
CA SER A 13 0.61 2.77 1.06
C SER A 13 -0.06 1.46 0.65
N ALA A 14 -0.79 1.53 -0.47
CA ALA A 14 -1.48 0.36 -0.98
C ALA A 14 -0.53 -0.44 -1.88
N LYS A 15 0.15 0.28 -2.76
CA LYS A 15 1.09 -0.34 -3.67
C LYS A 15 2.06 -1.21 -2.88
N LYS A 16 2.34 -0.78 -1.66
CA LYS A 16 3.24 -1.51 -0.79
C LYS A 16 2.58 -2.82 -0.35
N ARG A 17 1.31 -2.72 0.00
CA ARG A 17 0.55 -3.88 0.43
C ARG A 17 0.77 -5.04 -0.54
N ILE A 18 0.71 -4.71 -1.82
CA ILE A 18 0.89 -5.71 -2.87
C ILE A 18 2.26 -6.35 -2.72
N SER A 19 3.28 -5.51 -2.79
CA SER A 19 4.65 -5.98 -2.68
C SER A 19 4.88 -6.59 -1.30
N GLU A 20 3.93 -6.33 -0.41
CA GLU A 20 4.01 -6.85 0.95
C GLU A 20 3.41 -8.25 1.01
N GLY A 21 2.32 -8.43 0.28
CA GLY A 21 1.64 -9.72 0.25
C GLY A 21 2.64 -10.86 0.04
N ILE A 22 3.78 -10.52 -0.54
CA ILE A 22 4.81 -11.50 -0.79
C ILE A 22 5.57 -11.77 0.50
N ALA A 23 6.02 -10.70 1.14
CA ALA A 23 6.75 -10.82 2.39
C ALA A 23 5.85 -11.41 3.46
N ILE A 24 4.55 -11.32 3.20
CA ILE A 24 3.57 -11.84 4.14
C ILE A 24 3.08 -13.22 3.65
N ALA A 25 3.36 -13.49 2.39
CA ALA A 25 2.97 -14.75 1.79
C ALA A 25 3.47 -15.91 2.67
N ILE A 26 4.48 -15.60 3.47
CA ILE A 26 5.05 -16.60 4.36
C ILE A 26 4.57 -16.34 5.78
N GLN A 27 4.41 -15.07 6.10
CA GLN A 27 3.96 -14.67 7.42
C GLN A 27 2.48 -15.03 7.60
N GLY A 28 1.86 -15.39 6.49
CA GLY A 28 0.45 -15.76 6.51
C GLY A 28 -0.44 -14.51 6.46
N GLY A 29 -0.23 -13.63 7.42
CA GLY A 29 -1.01 -12.41 7.50
C GLY A 29 -0.45 -11.47 8.58
N SER A 1 -3.56 19.47 -6.08
CA SER A 1 -4.61 18.62 -5.54
C SER A 1 -4.45 18.48 -4.03
N TRP A 2 -5.56 18.64 -3.34
CA TRP A 2 -5.56 18.54 -1.88
C TRP A 2 -6.01 17.14 -1.50
N LEU A 3 -7.19 16.78 -1.98
CA LEU A 3 -7.76 15.47 -1.70
C LEU A 3 -6.98 14.41 -2.50
N SER A 4 -7.26 14.38 -3.79
CA SER A 4 -6.60 13.43 -4.67
C SER A 4 -5.14 13.26 -4.26
N LYS A 5 -4.58 14.33 -3.73
CA LYS A 5 -3.19 14.32 -3.30
C LYS A 5 -3.07 13.50 -2.00
N THR A 6 -3.76 13.97 -0.97
CA THR A 6 -3.74 13.31 0.31
C THR A 6 -4.24 11.86 0.16
N ALA A 7 -4.90 11.61 -0.97
CA ALA A 7 -5.42 10.28 -1.23
C ALA A 7 -4.33 9.42 -1.87
N LYS A 8 -3.41 10.09 -2.55
CA LYS A 8 -2.32 9.39 -3.20
C LYS A 8 -1.33 8.90 -2.14
N LYS A 9 -1.16 9.71 -1.12
CA LYS A 9 -0.25 9.37 -0.04
C LYS A 9 -0.68 8.04 0.58
N LEU A 10 -1.99 7.85 0.66
CA LEU A 10 -2.54 6.63 1.23
C LEU A 10 -2.23 5.46 0.30
N GLU A 11 -2.61 5.62 -0.96
CA GLU A 11 -2.38 4.59 -1.95
C GLU A 11 -0.91 4.16 -1.95
N ASN A 12 -0.05 5.13 -1.65
CA ASN A 12 1.38 4.88 -1.60
C ASN A 12 1.68 3.92 -0.45
N SER A 13 0.89 4.04 0.60
CA SER A 13 1.07 3.19 1.78
C SER A 13 0.53 1.78 1.49
N ALA A 14 -0.18 1.68 0.37
CA ALA A 14 -0.75 0.40 -0.03
C ALA A 14 0.18 -0.27 -1.05
N LYS A 15 0.75 0.55 -1.91
CA LYS A 15 1.65 0.05 -2.93
C LYS A 15 2.69 -0.86 -2.29
N LYS A 16 2.96 -0.60 -1.03
CA LYS A 16 3.93 -1.39 -0.29
C LYS A 16 3.28 -2.70 0.14
N ARG A 17 2.02 -2.61 0.53
CA ARG A 17 1.28 -3.79 0.96
C ARG A 17 1.24 -4.83 -0.15
N ILE A 18 1.39 -4.35 -1.38
CA ILE A 18 1.37 -5.23 -2.54
C ILE A 18 2.65 -6.08 -2.54
N SER A 19 3.78 -5.41 -2.74
CA SER A 19 5.05 -6.08 -2.77
C SER A 19 5.32 -6.76 -1.41
N GLU A 20 4.55 -6.36 -0.43
CA GLU A 20 4.68 -6.91 0.91
C GLU A 20 3.79 -8.14 1.07
N GLY A 21 2.64 -8.08 0.42
CA GLY A 21 1.68 -9.18 0.47
C GLY A 21 2.35 -10.51 0.09
N ILE A 22 3.46 -10.39 -0.62
CA ILE A 22 4.20 -11.56 -1.06
C ILE A 22 5.04 -12.08 0.11
N ALA A 23 5.67 -11.14 0.81
CA ALA A 23 6.51 -11.48 1.93
C ALA A 23 5.65 -12.00 3.08
N ILE A 24 4.37 -11.68 3.00
CA ILE A 24 3.42 -12.10 4.02
C ILE A 24 2.63 -13.32 3.51
N ALA A 25 2.69 -13.50 2.20
CA ALA A 25 1.99 -14.62 1.57
C ALA A 25 2.39 -15.91 2.27
N ILE A 26 3.54 -15.87 2.93
CA ILE A 26 4.04 -17.04 3.64
C ILE A 26 3.76 -16.88 5.13
N GLN A 27 3.94 -15.66 5.61
CA GLN A 27 3.70 -15.36 7.02
C GLN A 27 2.26 -15.72 7.39
N GLY A 28 1.42 -15.80 6.38
CA GLY A 28 0.01 -16.13 6.59
C GLY A 28 -0.67 -15.08 7.47
N GLY A 29 -0.58 -13.84 7.01
CA GLY A 29 -1.19 -12.73 7.74
C GLY A 29 -0.73 -12.73 9.19
N SER A 1 -3.51 19.54 -6.22
CA SER A 1 -4.70 19.35 -5.42
C SER A 1 -4.32 19.07 -3.97
N TRP A 2 -5.30 19.16 -3.10
CA TRP A 2 -5.08 18.92 -1.68
C TRP A 2 -5.50 17.48 -1.37
N LEU A 3 -6.75 17.18 -1.69
CA LEU A 3 -7.29 15.85 -1.45
C LEU A 3 -6.67 14.88 -2.46
N SER A 4 -7.14 14.97 -3.69
CA SER A 4 -6.65 14.10 -4.75
C SER A 4 -5.14 13.89 -4.59
N LYS A 5 -4.48 14.91 -4.06
CA LYS A 5 -3.05 14.84 -3.84
C LYS A 5 -2.75 13.93 -2.65
N THR A 6 -3.20 14.39 -1.48
CA THR A 6 -2.98 13.63 -0.26
C THR A 6 -3.41 12.18 -0.45
N ALA A 7 -4.28 11.98 -1.42
CA ALA A 7 -4.77 10.64 -1.72
C ALA A 7 -3.61 9.76 -2.18
N LYS A 8 -2.80 10.32 -3.05
CA LYS A 8 -1.64 9.60 -3.57
C LYS A 8 -0.94 8.88 -2.42
N LYS A 9 -0.77 9.60 -1.32
CA LYS A 9 -0.12 9.04 -0.16
C LYS A 9 -0.88 7.79 0.30
N LEU A 10 -2.20 7.90 0.28
CA LEU A 10 -3.05 6.80 0.69
C LEU A 10 -2.85 5.63 -0.26
N GLU A 11 -3.38 5.79 -1.46
CA GLU A 11 -3.26 4.75 -2.48
C GLU A 11 -1.84 4.15 -2.46
N ASN A 12 -0.87 5.02 -2.26
CA ASN A 12 0.52 4.60 -2.23
C ASN A 12 0.70 3.56 -1.12
N SER A 13 0.15 3.88 0.04
CA SER A 13 0.25 2.99 1.19
C SER A 13 -0.32 1.62 0.83
N ALA A 14 -1.12 1.59 -0.24
CA ALA A 14 -1.73 0.36 -0.70
C ALA A 14 -0.75 -0.38 -1.60
N LYS A 15 -0.14 0.37 -2.51
CA LYS A 15 0.83 -0.20 -3.44
C LYS A 15 1.88 -0.98 -2.66
N LYS A 16 2.16 -0.49 -1.46
CA LYS A 16 3.15 -1.14 -0.60
C LYS A 16 2.61 -2.49 -0.14
N ARG A 17 1.30 -2.52 0.09
CA ARG A 17 0.65 -3.74 0.54
C ARG A 17 0.84 -4.86 -0.48
N ILE A 18 0.80 -4.46 -1.75
CA ILE A 18 0.97 -5.42 -2.83
C ILE A 18 2.23 -6.23 -2.60
N SER A 19 3.36 -5.56 -2.66
CA SER A 19 4.65 -6.21 -2.45
C SER A 19 4.67 -6.91 -1.10
N GLU A 20 4.07 -6.25 -0.12
CA GLU A 20 4.02 -6.80 1.23
C GLU A 20 3.34 -8.18 1.21
N GLY A 21 2.49 -8.37 0.22
CA GLY A 21 1.78 -9.63 0.07
C GLY A 21 2.76 -10.80 -0.07
N ILE A 22 4.00 -10.46 -0.36
CA ILE A 22 5.04 -11.46 -0.52
C ILE A 22 5.69 -11.74 0.85
N ALA A 23 5.97 -10.66 1.55
CA ALA A 23 6.58 -10.77 2.87
C ALA A 23 5.63 -11.51 3.82
N ILE A 24 4.36 -11.46 3.47
CA ILE A 24 3.34 -12.11 4.28
C ILE A 24 3.05 -13.50 3.70
N ALA A 25 3.14 -13.58 2.39
CA ALA A 25 2.89 -14.85 1.70
C ALA A 25 3.53 -15.98 2.49
N ILE A 26 4.76 -15.75 2.91
CA ILE A 26 5.50 -16.74 3.68
C ILE A 26 4.94 -16.80 5.10
N GLN A 27 4.66 -15.63 5.64
CA GLN A 27 4.12 -15.52 6.98
C GLN A 27 2.92 -16.45 7.15
N GLY A 28 2.13 -16.54 6.08
CA GLY A 28 0.95 -17.38 6.09
C GLY A 28 -0.24 -16.66 6.75
N GLY A 29 -0.22 -15.35 6.65
CA GLY A 29 -1.27 -14.54 7.22
C GLY A 29 -0.73 -13.66 8.36
N SER A 1 -4.78 20.48 -3.49
CA SER A 1 -5.79 19.59 -2.96
C SER A 1 -5.26 18.89 -1.71
N TRP A 2 -6.18 18.55 -0.81
CA TRP A 2 -5.82 17.87 0.41
C TRP A 2 -6.06 16.37 0.22
N LEU A 3 -7.28 16.04 -0.14
CA LEU A 3 -7.65 14.65 -0.36
C LEU A 3 -7.01 14.17 -1.66
N SER A 4 -7.59 14.62 -2.77
CA SER A 4 -7.08 14.23 -4.08
C SER A 4 -5.56 14.17 -4.06
N LYS A 5 -4.97 15.02 -3.22
CA LYS A 5 -3.53 15.07 -3.10
C LYS A 5 -3.04 13.82 -2.35
N THR A 6 -3.50 13.70 -1.12
CA THR A 6 -3.11 12.57 -0.29
C THR A 6 -3.54 11.26 -0.95
N ALA A 7 -4.43 11.39 -1.93
CA ALA A 7 -4.93 10.23 -2.66
C ALA A 7 -3.79 9.58 -3.42
N LYS A 8 -2.74 10.35 -3.63
CA LYS A 8 -1.57 9.86 -4.35
C LYS A 8 -0.73 8.98 -3.41
N LYS A 9 -0.37 9.57 -2.28
CA LYS A 9 0.42 8.86 -1.29
C LYS A 9 -0.32 7.60 -0.85
N LEU A 10 -1.61 7.77 -0.59
CA LEU A 10 -2.44 6.65 -0.17
C LEU A 10 -2.37 5.55 -1.22
N GLU A 11 -2.90 5.85 -2.40
CA GLU A 11 -2.90 4.90 -3.48
C GLU A 11 -1.55 4.21 -3.60
N ASN A 12 -0.51 5.00 -3.40
CA ASN A 12 0.85 4.48 -3.47
C ASN A 12 1.09 3.52 -2.31
N SER A 13 0.57 3.90 -1.15
CA SER A 13 0.72 3.09 0.04
C SER A 13 0.15 1.69 -0.20
N ALA A 14 -0.65 1.58 -1.24
CA ALA A 14 -1.26 0.32 -1.60
C ALA A 14 -0.28 -0.50 -2.44
N LYS A 15 0.39 0.19 -3.34
CA LYS A 15 1.36 -0.46 -4.20
C LYS A 15 2.42 -1.17 -3.35
N LYS A 16 2.70 -0.57 -2.20
CA LYS A 16 3.67 -1.13 -1.28
C LYS A 16 3.12 -2.42 -0.67
N ARG A 17 1.82 -2.42 -0.45
CA ARG A 17 1.15 -3.57 0.13
C ARG A 17 1.33 -4.80 -0.78
N ILE A 18 1.36 -4.52 -2.07
CA ILE A 18 1.53 -5.58 -3.05
C ILE A 18 2.81 -6.37 -2.74
N SER A 19 3.93 -5.70 -2.89
CA SER A 19 5.22 -6.32 -2.63
C SER A 19 5.24 -6.89 -1.21
N GLU A 20 4.60 -6.17 -0.30
CA GLU A 20 4.54 -6.59 1.09
C GLU A 20 3.73 -7.88 1.22
N GLY A 21 2.75 -8.01 0.33
CA GLY A 21 1.89 -9.19 0.34
C GLY A 21 2.73 -10.47 0.28
N ILE A 22 3.96 -10.32 -0.17
CA ILE A 22 4.87 -11.45 -0.28
C ILE A 22 5.45 -11.77 1.10
N ALA A 23 5.84 -10.70 1.79
CA ALA A 23 6.42 -10.85 3.11
C ALA A 23 5.35 -11.39 4.08
N ILE A 24 4.11 -11.02 3.79
CA ILE A 24 2.99 -11.44 4.61
C ILE A 24 2.49 -12.80 4.13
N ALA A 25 2.87 -13.13 2.89
CA ALA A 25 2.46 -14.39 2.30
C ALA A 25 2.80 -15.54 3.27
N ILE A 26 3.78 -15.27 4.12
CA ILE A 26 4.20 -16.27 5.09
C ILE A 26 3.62 -15.91 6.47
N GLN A 27 3.48 -14.61 6.69
CA GLN A 27 2.94 -14.13 7.95
C GLN A 27 1.53 -14.69 8.18
N GLY A 28 0.85 -14.94 7.07
CA GLY A 28 -0.50 -15.47 7.14
C GLY A 28 -1.53 -14.35 7.28
N GLY A 29 -1.29 -13.50 8.26
CA GLY A 29 -2.19 -12.38 8.52
C GLY A 29 -1.44 -11.22 9.18
N SER A 1 -5.94 19.32 -6.73
CA SER A 1 -6.86 18.81 -5.74
C SER A 1 -6.18 18.75 -4.37
N TRP A 2 -7.00 18.70 -3.34
CA TRP A 2 -6.49 18.65 -1.98
C TRP A 2 -6.50 17.18 -1.53
N LEU A 3 -7.69 16.59 -1.59
CA LEU A 3 -7.85 15.20 -1.19
C LEU A 3 -7.21 14.29 -2.24
N SER A 4 -7.88 14.17 -3.38
CA SER A 4 -7.38 13.35 -4.46
C SER A 4 -5.88 13.48 -4.57
N LYS A 5 -5.38 14.66 -4.22
CA LYS A 5 -3.96 14.93 -4.27
C LYS A 5 -3.26 14.17 -3.15
N THR A 6 -3.70 14.43 -1.92
CA THR A 6 -3.13 13.79 -0.76
C THR A 6 -3.41 12.29 -0.80
N ALA A 7 -4.32 11.91 -1.66
CA ALA A 7 -4.69 10.50 -1.81
C ALA A 7 -3.52 9.74 -2.43
N LYS A 8 -2.62 10.49 -3.05
CA LYS A 8 -1.46 9.90 -3.69
C LYS A 8 -0.58 9.23 -2.62
N LYS A 9 -0.29 10.01 -1.59
CA LYS A 9 0.54 9.52 -0.50
C LYS A 9 -0.08 8.23 0.07
N LEU A 10 -1.41 8.24 0.14
CA LEU A 10 -2.13 7.10 0.65
C LEU A 10 -1.86 5.88 -0.24
N GLU A 11 -2.42 5.93 -1.44
CA GLU A 11 -2.24 4.85 -2.39
C GLU A 11 -0.80 4.37 -2.39
N ASN A 12 0.11 5.33 -2.26
CA ASN A 12 1.53 5.01 -2.24
C ASN A 12 1.83 4.08 -1.07
N SER A 13 1.28 4.43 0.09
CA SER A 13 1.48 3.64 1.28
C SER A 13 0.88 2.25 1.09
N ALA A 14 0.09 2.12 0.04
CA ALA A 14 -0.55 0.85 -0.26
C ALA A 14 0.36 0.01 -1.15
N LYS A 15 0.92 0.68 -2.16
CA LYS A 15 1.82 0.01 -3.09
C LYS A 15 2.77 -0.89 -2.30
N LYS A 16 3.09 -0.45 -1.08
CA LYS A 16 3.99 -1.20 -0.22
C LYS A 16 3.26 -2.44 0.31
N ARG A 17 2.06 -2.21 0.81
CA ARG A 17 1.25 -3.29 1.36
C ARG A 17 1.31 -4.51 0.43
N ILE A 18 1.08 -4.26 -0.84
CA ILE A 18 1.10 -5.32 -1.83
C ILE A 18 2.39 -6.14 -1.67
N SER A 19 3.50 -5.46 -1.91
CA SER A 19 4.81 -6.11 -1.79
C SER A 19 4.84 -6.99 -0.54
N GLU A 20 4.40 -6.42 0.57
CA GLU A 20 4.37 -7.14 1.83
C GLU A 20 3.59 -8.44 1.68
N GLY A 21 2.48 -8.35 0.95
CA GLY A 21 1.64 -9.51 0.72
C GLY A 21 2.48 -10.72 0.27
N ILE A 22 3.65 -10.42 -0.28
CA ILE A 22 4.54 -11.46 -0.75
C ILE A 22 5.30 -12.05 0.44
N ALA A 23 5.74 -11.16 1.32
CA ALA A 23 6.48 -11.58 2.50
C ALA A 23 5.52 -12.24 3.49
N ILE A 24 4.24 -11.96 3.30
CA ILE A 24 3.21 -12.52 4.16
C ILE A 24 2.52 -13.69 3.45
N ALA A 25 2.69 -13.70 2.14
CA ALA A 25 2.09 -14.75 1.33
C ALA A 25 2.47 -16.11 1.90
N ILE A 26 3.57 -16.12 2.64
CA ILE A 26 4.05 -17.36 3.27
C ILE A 26 3.71 -17.34 4.76
N GLN A 27 3.72 -16.13 5.32
CA GLN A 27 3.42 -15.97 6.74
C GLN A 27 2.02 -16.51 7.03
N GLY A 28 1.22 -16.63 5.99
CA GLY A 28 -0.14 -17.12 6.12
C GLY A 28 -1.16 -16.08 5.63
N GLY A 29 -1.06 -14.89 6.19
CA GLY A 29 -1.96 -13.80 5.81
C GLY A 29 -2.16 -12.84 6.98
N SER A 1 -4.12 19.92 -5.97
CA SER A 1 -5.19 19.17 -5.34
C SER A 1 -4.88 18.94 -3.86
N TRP A 2 -5.93 18.93 -3.06
CA TRP A 2 -5.79 18.73 -1.63
C TRP A 2 -6.06 17.25 -1.33
N LEU A 3 -7.23 16.81 -1.73
CA LEU A 3 -7.62 15.42 -1.51
C LEU A 3 -6.83 14.51 -2.44
N SER A 4 -7.21 14.54 -3.72
CA SER A 4 -6.54 13.73 -4.72
C SER A 4 -5.04 13.69 -4.44
N LYS A 5 -4.55 14.79 -3.88
CA LYS A 5 -3.13 14.90 -3.57
C LYS A 5 -2.81 14.00 -2.37
N THR A 6 -3.54 14.23 -1.28
CA THR A 6 -3.35 13.45 -0.07
C THR A 6 -3.78 11.99 -0.29
N ALA A 7 -4.47 11.78 -1.41
CA ALA A 7 -4.94 10.46 -1.75
C ALA A 7 -3.74 9.58 -2.14
N LYS A 8 -2.88 10.14 -2.97
CA LYS A 8 -1.70 9.43 -3.43
C LYS A 8 -0.88 8.99 -2.22
N LYS A 9 -0.80 9.88 -1.24
CA LYS A 9 -0.05 9.60 -0.03
C LYS A 9 -0.58 8.31 0.61
N LEU A 10 -1.82 7.98 0.26
CA LEU A 10 -2.46 6.79 0.79
C LEU A 10 -2.23 5.62 -0.18
N GLU A 11 -2.63 5.85 -1.43
CA GLU A 11 -2.48 4.83 -2.45
C GLU A 11 -1.02 4.37 -2.53
N ASN A 12 -0.13 5.24 -2.06
CA ASN A 12 1.29 4.93 -2.07
C ASN A 12 1.63 4.07 -0.84
N SER A 13 0.83 4.25 0.20
CA SER A 13 1.04 3.50 1.43
C SER A 13 0.48 2.08 1.28
N ALA A 14 -0.38 1.93 0.30
CA ALA A 14 -1.00 0.63 0.04
C ALA A 14 -0.10 -0.18 -0.89
N LYS A 15 0.55 0.52 -1.80
CA LYS A 15 1.45 -0.12 -2.75
C LYS A 15 2.46 -0.99 -1.98
N LYS A 16 2.75 -0.55 -0.77
CA LYS A 16 3.69 -1.27 0.07
C LYS A 16 3.08 -2.61 0.49
N ARG A 17 1.79 -2.56 0.81
CA ARG A 17 1.07 -3.76 1.21
C ARG A 17 1.14 -4.82 0.12
N ILE A 18 1.09 -4.36 -1.13
CA ILE A 18 1.14 -5.26 -2.26
C ILE A 18 2.43 -6.08 -2.20
N SER A 19 3.55 -5.37 -2.37
CA SER A 19 4.85 -6.02 -2.33
C SER A 19 5.00 -6.83 -1.04
N GLU A 20 4.28 -6.38 -0.02
CA GLU A 20 4.33 -7.04 1.28
C GLU A 20 3.48 -8.31 1.25
N GLY A 21 2.45 -8.27 0.42
CA GLY A 21 1.54 -9.40 0.30
C GLY A 21 2.32 -10.68 -0.01
N ILE A 22 3.53 -10.49 -0.51
CA ILE A 22 4.38 -11.63 -0.85
C ILE A 22 5.17 -12.05 0.39
N ALA A 23 5.64 -11.05 1.13
CA ALA A 23 6.40 -11.32 2.33
C ALA A 23 5.52 -12.02 3.36
N ILE A 24 4.22 -11.77 3.24
CA ILE A 24 3.26 -12.37 4.15
C ILE A 24 2.78 -13.70 3.57
N ALA A 25 3.05 -13.89 2.29
CA ALA A 25 2.65 -15.10 1.61
C ALA A 25 3.21 -16.31 2.35
N ILE A 26 4.27 -16.06 3.11
CA ILE A 26 4.91 -17.11 3.87
C ILE A 26 4.49 -16.99 5.35
N GLN A 27 4.32 -15.75 5.78
CA GLN A 27 3.92 -15.48 7.15
C GLN A 27 2.47 -15.94 7.37
N GLY A 28 1.82 -16.29 6.29
CA GLY A 28 0.44 -16.75 6.35
C GLY A 28 -0.53 -15.57 6.27
N GLY A 29 -0.24 -14.57 7.10
CA GLY A 29 -1.08 -13.38 7.13
C GLY A 29 -0.64 -12.44 8.25
N SER A 1 -6.24 19.97 -5.18
CA SER A 1 -6.98 18.98 -4.45
C SER A 1 -6.27 18.66 -3.13
N TRP A 2 -7.08 18.42 -2.10
CA TRP A 2 -6.55 18.11 -0.79
C TRP A 2 -6.57 16.59 -0.62
N LEU A 3 -7.76 16.02 -0.77
CA LEU A 3 -7.93 14.59 -0.64
C LEU A 3 -7.32 13.89 -1.85
N SER A 4 -8.02 13.99 -2.97
CA SER A 4 -7.55 13.38 -4.21
C SER A 4 -6.03 13.52 -4.31
N LYS A 5 -5.52 14.61 -3.76
CA LYS A 5 -4.10 14.88 -3.78
C LYS A 5 -3.39 13.93 -2.81
N THR A 6 -3.70 14.10 -1.54
CA THR A 6 -3.11 13.27 -0.51
C THR A 6 -3.31 11.78 -0.83
N ALA A 7 -4.27 11.52 -1.70
CA ALA A 7 -4.58 10.17 -2.09
C ALA A 7 -3.37 9.57 -2.83
N LYS A 8 -2.70 10.43 -3.59
CA LYS A 8 -1.53 10.01 -4.35
C LYS A 8 -0.51 9.38 -3.39
N LYS A 9 -0.39 9.97 -2.22
CA LYS A 9 0.54 9.49 -1.22
C LYS A 9 0.03 8.16 -0.66
N LEU A 10 -1.28 8.11 -0.45
CA LEU A 10 -1.91 6.91 0.08
C LEU A 10 -1.62 5.73 -0.86
N GLU A 11 -2.16 5.83 -2.06
CA GLU A 11 -1.97 4.79 -3.06
C GLU A 11 -0.50 4.34 -3.09
N ASN A 12 0.38 5.33 -2.96
CA ASN A 12 1.81 5.06 -2.96
C ASN A 12 2.16 4.14 -1.79
N SER A 13 1.60 4.48 -0.64
CA SER A 13 1.84 3.70 0.57
C SER A 13 1.19 2.32 0.45
N ALA A 14 0.24 2.25 -0.48
CA ALA A 14 -0.48 1.00 -0.70
C ALA A 14 0.32 0.13 -1.67
N LYS A 15 0.90 0.78 -2.66
CA LYS A 15 1.70 0.07 -3.66
C LYS A 15 2.64 -0.91 -2.94
N LYS A 16 3.12 -0.48 -1.80
CA LYS A 16 4.03 -1.31 -1.01
C LYS A 16 3.25 -2.45 -0.38
N ARG A 17 2.12 -2.10 0.23
CA ARG A 17 1.28 -3.08 0.88
C ARG A 17 1.16 -4.34 0.01
N ILE A 18 1.29 -4.14 -1.29
CA ILE A 18 1.21 -5.24 -2.23
C ILE A 18 2.46 -6.12 -2.09
N SER A 19 3.60 -5.50 -2.39
CA SER A 19 4.87 -6.22 -2.29
C SER A 19 5.01 -6.88 -0.93
N GLU A 20 4.29 -6.32 0.04
CA GLU A 20 4.34 -6.84 1.40
C GLU A 20 3.49 -8.11 1.50
N GLY A 21 2.37 -8.10 0.79
CA GLY A 21 1.48 -9.25 0.79
C GLY A 21 2.25 -10.55 0.56
N ILE A 22 3.42 -10.41 -0.06
CA ILE A 22 4.26 -11.56 -0.34
C ILE A 22 4.95 -12.00 0.95
N ALA A 23 5.60 -11.05 1.59
CA ALA A 23 6.30 -11.33 2.84
C ALA A 23 5.31 -11.82 3.88
N ILE A 24 4.04 -11.54 3.62
CA ILE A 24 2.98 -11.94 4.54
C ILE A 24 2.32 -13.22 4.01
N ALA A 25 2.52 -13.46 2.73
CA ALA A 25 1.95 -14.64 2.09
C ALA A 25 2.35 -15.89 2.88
N ILE A 26 3.41 -15.74 3.65
CA ILE A 26 3.91 -16.85 4.46
C ILE A 26 3.45 -16.65 5.91
N GLN A 27 3.23 -15.39 6.26
CA GLN A 27 2.79 -15.06 7.61
C GLN A 27 1.43 -15.68 7.89
N GLY A 28 0.70 -15.96 6.82
CA GLY A 28 -0.62 -16.57 6.95
C GLY A 28 -1.54 -16.10 5.81
N GLY A 29 -1.47 -14.80 5.53
CA GLY A 29 -2.28 -14.22 4.48
C GLY A 29 -1.44 -13.88 3.25
N SER A 1 -6.22 20.66 -5.50
CA SER A 1 -6.83 19.48 -4.90
C SER A 1 -6.14 19.16 -3.57
N TRP A 2 -6.96 18.89 -2.56
CA TRP A 2 -6.45 18.57 -1.24
C TRP A 2 -6.43 17.05 -1.10
N LEU A 3 -7.60 16.45 -1.29
CA LEU A 3 -7.74 15.02 -1.17
C LEU A 3 -7.08 14.35 -2.38
N SER A 4 -7.75 14.45 -3.52
CA SER A 4 -7.24 13.87 -4.75
C SER A 4 -5.72 14.06 -4.83
N LYS A 5 -5.26 15.14 -4.23
CA LYS A 5 -3.84 15.44 -4.22
C LYS A 5 -3.13 14.53 -3.24
N THR A 6 -3.61 14.55 -2.00
CA THR A 6 -3.03 13.72 -0.95
C THR A 6 -3.34 12.26 -1.20
N ALA A 7 -4.19 12.02 -2.20
CA ALA A 7 -4.57 10.67 -2.55
C ALA A 7 -3.36 9.91 -3.07
N LYS A 8 -2.37 10.68 -3.52
CA LYS A 8 -1.15 10.10 -4.05
C LYS A 8 -0.40 9.39 -2.91
N LYS A 9 -0.05 10.17 -1.90
CA LYS A 9 0.68 9.62 -0.76
C LYS A 9 -0.11 8.45 -0.17
N LEU A 10 -1.44 8.58 -0.24
CA LEU A 10 -2.31 7.54 0.28
C LEU A 10 -2.08 6.25 -0.51
N GLU A 11 -2.42 6.30 -1.79
CA GLU A 11 -2.26 5.14 -2.65
C GLU A 11 -0.88 4.51 -2.44
N ASN A 12 0.10 5.37 -2.26
CA ASN A 12 1.47 4.91 -2.05
C ASN A 12 1.50 4.00 -0.82
N SER A 13 0.77 4.39 0.20
CA SER A 13 0.70 3.62 1.43
C SER A 13 0.14 2.22 1.14
N ALA A 14 -0.47 2.09 -0.03
CA ALA A 14 -1.05 0.82 -0.44
C ALA A 14 -0.01 0.01 -1.21
N LYS A 15 0.63 0.69 -2.15
CA LYS A 15 1.66 0.05 -2.97
C LYS A 15 2.54 -0.81 -2.07
N LYS A 16 2.72 -0.36 -0.84
CA LYS A 16 3.54 -1.08 0.12
C LYS A 16 2.82 -2.36 0.53
N ARG A 17 1.55 -2.21 0.89
CA ARG A 17 0.75 -3.33 1.32
C ARG A 17 0.96 -4.52 0.37
N ILE A 18 0.77 -4.27 -0.91
CA ILE A 18 0.93 -5.30 -1.92
C ILE A 18 2.25 -6.03 -1.67
N SER A 19 3.34 -5.29 -1.83
CA SER A 19 4.67 -5.86 -1.61
C SER A 19 4.65 -6.81 -0.42
N GLU A 20 4.18 -6.29 0.70
CA GLU A 20 4.10 -7.08 1.91
C GLU A 20 3.33 -8.37 1.66
N GLY A 21 2.23 -8.23 0.93
CA GLY A 21 1.40 -9.38 0.61
C GLY A 21 2.25 -10.59 0.22
N ILE A 22 3.43 -10.29 -0.31
CA ILE A 22 4.34 -11.34 -0.73
C ILE A 22 5.11 -11.87 0.48
N ALA A 23 5.66 -10.93 1.24
CA ALA A 23 6.42 -11.28 2.42
C ALA A 23 5.51 -12.01 3.41
N ILE A 24 4.21 -11.88 3.17
CA ILE A 24 3.23 -12.53 4.03
C ILE A 24 2.75 -13.82 3.36
N ALA A 25 2.75 -13.80 2.03
CA ALA A 25 2.31 -14.95 1.27
C ALA A 25 2.99 -16.21 1.83
N ILE A 26 4.14 -16.00 2.44
CA ILE A 26 4.90 -17.10 3.01
C ILE A 26 4.49 -17.29 4.47
N GLN A 27 4.29 -16.15 5.15
CA GLN A 27 3.91 -16.19 6.55
C GLN A 27 2.66 -17.07 6.73
N GLY A 28 1.82 -17.06 5.71
CA GLY A 28 0.61 -17.85 5.75
C GLY A 28 -0.63 -16.96 5.85
N GLY A 29 -0.37 -15.67 6.03
CA GLY A 29 -1.45 -14.70 6.14
C GLY A 29 -2.25 -14.62 4.85
N SER A 1 -5.36 19.56 -6.12
CA SER A 1 -6.39 19.29 -5.13
C SER A 1 -5.74 19.05 -3.76
N TRP A 2 -6.59 18.96 -2.75
CA TRP A 2 -6.12 18.73 -1.39
C TRP A 2 -6.25 17.24 -1.09
N LEU A 3 -7.47 16.74 -1.24
CA LEU A 3 -7.73 15.34 -0.99
C LEU A 3 -7.13 14.49 -2.11
N SER A 4 -7.78 14.53 -3.26
CA SER A 4 -7.32 13.78 -4.41
C SER A 4 -5.79 13.82 -4.48
N LYS A 5 -5.24 14.92 -4.00
CA LYS A 5 -3.80 15.10 -3.99
C LYS A 5 -3.17 14.18 -2.94
N THR A 6 -3.56 14.41 -1.70
CA THR A 6 -3.05 13.62 -0.58
C THR A 6 -3.42 12.15 -0.78
N ALA A 7 -4.35 11.92 -1.69
CA ALA A 7 -4.81 10.57 -1.97
C ALA A 7 -3.66 9.76 -2.58
N LYS A 8 -2.70 10.50 -3.13
CA LYS A 8 -1.54 9.87 -3.74
C LYS A 8 -0.72 9.15 -2.67
N LYS A 9 -0.37 9.90 -1.64
CA LYS A 9 0.42 9.36 -0.54
C LYS A 9 -0.23 8.06 -0.07
N LEU A 10 -1.55 8.08 0.01
CA LEU A 10 -2.30 6.91 0.45
C LEU A 10 -2.04 5.75 -0.51
N GLU A 11 -2.59 5.88 -1.72
CA GLU A 11 -2.42 4.86 -2.73
C GLU A 11 -1.00 4.32 -2.71
N ASN A 12 -0.05 5.23 -2.51
CA ASN A 12 1.35 4.86 -2.47
C ASN A 12 1.56 3.79 -1.40
N SER A 13 1.05 4.08 -0.21
CA SER A 13 1.17 3.16 0.91
C SER A 13 0.60 1.80 0.52
N ALA A 14 -0.21 1.80 -0.52
CA ALA A 14 -0.82 0.57 -1.00
C ALA A 14 0.19 -0.19 -1.87
N LYS A 15 0.93 0.56 -2.66
CA LYS A 15 1.92 -0.03 -3.54
C LYS A 15 2.78 -1.02 -2.73
N LYS A 16 3.03 -0.66 -1.49
CA LYS A 16 3.82 -1.50 -0.61
C LYS A 16 3.03 -2.77 -0.25
N ARG A 17 1.80 -2.54 0.20
CA ARG A 17 0.93 -3.65 0.58
C ARG A 17 1.10 -4.80 -0.41
N ILE A 18 1.42 -4.45 -1.64
CA ILE A 18 1.62 -5.45 -2.67
C ILE A 18 2.88 -6.26 -2.38
N SER A 19 3.99 -5.54 -2.26
CA SER A 19 5.27 -6.17 -1.98
C SER A 19 5.16 -7.04 -0.73
N GLU A 20 4.86 -6.38 0.39
CA GLU A 20 4.72 -7.07 1.65
C GLU A 20 3.77 -8.26 1.51
N GLY A 21 2.74 -8.06 0.69
CA GLY A 21 1.76 -9.10 0.46
C GLY A 21 2.43 -10.45 0.23
N ILE A 22 3.64 -10.39 -0.29
CA ILE A 22 4.41 -11.60 -0.56
C ILE A 22 5.16 -12.02 0.70
N ALA A 23 5.87 -11.07 1.28
CA ALA A 23 6.62 -11.32 2.49
C ALA A 23 5.69 -11.92 3.56
N ILE A 24 4.42 -11.61 3.40
CA ILE A 24 3.41 -12.10 4.34
C ILE A 24 2.82 -13.41 3.82
N ALA A 25 2.91 -13.57 2.50
CA ALA A 25 2.39 -14.77 1.86
C ALA A 25 2.86 -16.00 2.63
N ILE A 26 3.98 -15.84 3.32
CA ILE A 26 4.54 -16.92 4.10
C ILE A 26 4.16 -16.74 5.57
N GLN A 27 3.98 -15.48 5.95
CA GLN A 27 3.62 -15.16 7.32
C GLN A 27 2.30 -15.83 7.68
N GLY A 28 1.45 -15.98 6.68
CA GLY A 28 0.15 -16.60 6.89
C GLY A 28 -0.97 -15.76 6.28
N GLY A 29 -1.19 -14.60 6.89
CA GLY A 29 -2.22 -13.69 6.42
C GLY A 29 -2.88 -12.97 7.60
N SER A 1 -4.04 19.79 -7.15
CA SER A 1 -4.95 18.88 -6.48
C SER A 1 -4.59 18.77 -5.00
N TRP A 2 -5.60 18.96 -4.17
CA TRP A 2 -5.41 18.89 -2.73
C TRP A 2 -5.83 17.50 -2.26
N LEU A 3 -7.07 17.15 -2.57
CA LEU A 3 -7.60 15.85 -2.19
C LEU A 3 -6.95 14.77 -3.06
N SER A 4 -7.39 14.72 -4.30
CA SER A 4 -6.86 13.74 -5.24
C SER A 4 -5.36 13.56 -5.02
N LYS A 5 -4.72 14.63 -4.59
CA LYS A 5 -3.29 14.61 -4.34
C LYS A 5 -3.02 13.88 -3.03
N THR A 6 -3.68 14.36 -1.97
CA THR A 6 -3.52 13.77 -0.66
C THR A 6 -4.02 12.33 -0.66
N ALA A 7 -4.76 11.99 -1.71
CA ALA A 7 -5.31 10.65 -1.84
C ALA A 7 -4.19 9.68 -2.19
N LYS A 8 -3.20 10.19 -2.91
CA LYS A 8 -2.06 9.38 -3.31
C LYS A 8 -1.16 9.15 -2.10
N LYS A 9 -1.18 10.10 -1.19
CA LYS A 9 -0.37 10.01 0.01
C LYS A 9 -0.84 8.83 0.85
N LEU A 10 -2.09 8.45 0.64
CA LEU A 10 -2.68 7.34 1.37
C LEU A 10 -2.39 6.04 0.63
N GLU A 11 -2.68 6.06 -0.67
CA GLU A 11 -2.46 4.89 -1.49
C GLU A 11 -1.00 4.43 -1.39
N ASN A 12 -0.11 5.41 -1.35
CA ASN A 12 1.31 5.12 -1.26
C ASN A 12 1.59 4.38 0.06
N SER A 13 0.67 4.55 1.00
CA SER A 13 0.80 3.90 2.29
C SER A 13 0.35 2.44 2.20
N ALA A 14 -0.34 2.14 1.11
CA ALA A 14 -0.84 0.79 0.89
C ALA A 14 0.15 0.02 0.00
N LYS A 15 0.72 0.74 -0.95
CA LYS A 15 1.68 0.15 -1.86
C LYS A 15 2.59 -0.81 -1.09
N LYS A 16 2.83 -0.46 0.16
CA LYS A 16 3.69 -1.28 1.02
C LYS A 16 3.05 -2.65 1.19
N ARG A 17 1.92 -2.67 1.88
CA ARG A 17 1.20 -3.92 2.13
C ARG A 17 1.26 -4.81 0.89
N ILE A 18 1.00 -4.20 -0.26
CA ILE A 18 1.02 -4.93 -1.52
C ILE A 18 2.32 -5.71 -1.63
N SER A 19 3.42 -4.98 -1.63
CA SER A 19 4.73 -5.61 -1.72
C SER A 19 4.90 -6.65 -0.63
N GLU A 20 4.43 -6.30 0.56
CA GLU A 20 4.51 -7.18 1.70
C GLU A 20 3.70 -8.45 1.45
N GLY A 21 2.64 -8.30 0.66
CA GLY A 21 1.79 -9.41 0.34
C GLY A 21 2.59 -10.59 -0.23
N ILE A 22 3.77 -10.26 -0.73
CA ILE A 22 4.65 -11.27 -1.30
C ILE A 22 5.42 -11.96 -0.18
N ALA A 23 5.87 -11.17 0.77
CA ALA A 23 6.62 -11.69 1.89
C ALA A 23 5.69 -12.53 2.77
N ILE A 24 4.41 -12.20 2.70
CA ILE A 24 3.41 -12.91 3.49
C ILE A 24 2.85 -14.07 2.65
N ALA A 25 3.11 -14.00 1.36
CA ALA A 25 2.63 -15.03 0.45
C ALA A 25 3.12 -16.40 0.93
N ILE A 26 4.19 -16.37 1.71
CA ILE A 26 4.76 -17.58 2.25
C ILE A 26 4.32 -17.76 3.70
N GLN A 27 4.08 -16.63 4.35
CA GLN A 27 3.65 -16.64 5.74
C GLN A 27 2.13 -16.82 5.83
N GLY A 28 1.52 -16.98 4.66
CA GLY A 28 0.08 -17.16 4.58
C GLY A 28 -0.65 -15.84 4.81
N GLY A 29 -0.38 -15.24 5.96
CA GLY A 29 -1.00 -13.97 6.31
C GLY A 29 -2.04 -14.16 7.43
N SER A 1 -4.93 19.26 -6.90
CA SER A 1 -6.00 18.85 -5.99
C SER A 1 -5.47 18.75 -4.57
N TRP A 2 -6.40 18.72 -3.63
CA TRP A 2 -6.04 18.63 -2.22
C TRP A 2 -6.16 17.17 -1.80
N LEU A 3 -7.35 16.62 -2.00
CA LEU A 3 -7.61 15.24 -1.64
C LEU A 3 -6.88 14.32 -2.63
N SER A 4 -7.44 14.23 -3.83
CA SER A 4 -6.86 13.40 -4.87
C SER A 4 -5.33 13.48 -4.81
N LYS A 5 -4.85 14.63 -4.38
CA LYS A 5 -3.41 14.85 -4.27
C LYS A 5 -2.86 14.02 -3.11
N THR A 6 -3.37 14.32 -1.92
CA THR A 6 -2.94 13.61 -0.72
C THR A 6 -3.32 12.14 -0.82
N ALA A 7 -4.17 11.83 -1.78
CA ALA A 7 -4.63 10.46 -1.98
C ALA A 7 -3.44 9.59 -2.38
N LYS A 8 -2.37 10.25 -2.78
CA LYS A 8 -1.17 9.55 -3.19
C LYS A 8 -0.41 9.07 -1.95
N LYS A 9 -0.26 10.00 -1.00
CA LYS A 9 0.45 9.69 0.23
C LYS A 9 -0.27 8.53 0.94
N LEU A 10 -1.52 8.33 0.55
CA LEU A 10 -2.31 7.26 1.14
C LEU A 10 -2.18 6.00 0.30
N GLU A 11 -2.62 6.11 -0.95
CA GLU A 11 -2.53 4.98 -1.87
C GLU A 11 -1.14 4.35 -1.83
N ASN A 12 -0.16 5.21 -1.61
CA ASN A 12 1.23 4.77 -1.55
C ASN A 12 1.37 3.71 -0.46
N SER A 13 0.69 3.95 0.65
CA SER A 13 0.72 3.03 1.77
C SER A 13 0.05 1.71 1.40
N ALA A 14 -0.60 1.73 0.25
CA ALA A 14 -1.29 0.54 -0.24
C ALA A 14 -0.38 -0.21 -1.21
N LYS A 15 0.37 0.56 -2.00
CA LYS A 15 1.29 -0.03 -2.97
C LYS A 15 2.37 -0.82 -2.23
N LYS A 16 2.64 -0.39 -1.01
CA LYS A 16 3.65 -1.05 -0.19
C LYS A 16 3.09 -2.36 0.34
N ARG A 17 1.78 -2.37 0.56
CA ARG A 17 1.11 -3.56 1.06
C ARG A 17 1.30 -4.72 0.08
N ILE A 18 1.18 -4.39 -1.20
CA ILE A 18 1.33 -5.39 -2.24
C ILE A 18 2.70 -6.06 -2.12
N SER A 19 3.73 -5.24 -2.22
CA SER A 19 5.10 -5.74 -2.13
C SER A 19 5.28 -6.51 -0.83
N GLU A 20 4.51 -6.12 0.18
CA GLU A 20 4.57 -6.77 1.48
C GLU A 20 3.75 -8.05 1.47
N GLY A 21 2.79 -8.10 0.55
CA GLY A 21 1.93 -9.27 0.43
C GLY A 21 2.75 -10.52 0.10
N ILE A 22 3.94 -10.29 -0.42
CA ILE A 22 4.83 -11.38 -0.79
C ILE A 22 5.53 -11.89 0.47
N ALA A 23 5.87 -10.96 1.35
CA ALA A 23 6.54 -11.31 2.58
C ALA A 23 5.55 -12.01 3.52
N ILE A 24 4.28 -11.73 3.30
CA ILE A 24 3.23 -12.32 4.11
C ILE A 24 2.65 -13.54 3.38
N ALA A 25 2.89 -13.58 2.08
CA ALA A 25 2.40 -14.68 1.26
C ALA A 25 2.82 -16.01 1.90
N ILE A 26 3.86 -15.93 2.71
CA ILE A 26 4.37 -17.11 3.39
C ILE A 26 3.92 -17.08 4.85
N GLN A 27 3.84 -15.87 5.39
CA GLN A 27 3.44 -15.70 6.77
C GLN A 27 2.05 -16.30 7.00
N GLY A 28 1.30 -16.40 5.91
CA GLY A 28 -0.05 -16.94 5.98
C GLY A 28 -0.99 -16.01 6.74
N GLY A 29 -0.75 -14.71 6.57
CA GLY A 29 -1.56 -13.71 7.23
C GLY A 29 -2.31 -12.86 6.21
N SER A 1 -3.16 18.03 -7.22
CA SER A 1 -4.48 18.13 -6.62
C SER A 1 -4.38 18.15 -5.10
N TRP A 2 -5.52 18.32 -4.46
CA TRP A 2 -5.57 18.35 -3.00
C TRP A 2 -5.96 16.96 -2.51
N LEU A 3 -7.11 16.50 -2.99
CA LEU A 3 -7.61 15.19 -2.61
C LEU A 3 -6.76 14.11 -3.28
N SER A 4 -6.98 13.93 -4.57
CA SER A 4 -6.24 12.95 -5.33
C SER A 4 -4.79 12.89 -4.86
N LYS A 5 -4.30 14.04 -4.41
CA LYS A 5 -2.94 14.15 -3.93
C LYS A 5 -2.84 13.50 -2.55
N THR A 6 -3.67 13.98 -1.65
CA THR A 6 -3.68 13.47 -0.28
C THR A 6 -4.03 11.98 -0.29
N ALA A 7 -4.60 11.54 -1.41
CA ALA A 7 -5.00 10.14 -1.56
C ALA A 7 -3.75 9.30 -1.87
N LYS A 8 -2.78 9.95 -2.50
CA LYS A 8 -1.55 9.28 -2.86
C LYS A 8 -0.66 9.15 -1.63
N LYS A 9 -0.60 10.25 -0.88
CA LYS A 9 0.21 10.26 0.33
C LYS A 9 -0.17 9.09 1.22
N LEU A 10 -1.43 8.68 1.10
CA LEU A 10 -1.93 7.57 1.88
C LEU A 10 -1.84 6.28 1.07
N GLU A 11 -2.66 6.23 0.02
CA GLU A 11 -2.68 5.06 -0.85
C GLU A 11 -1.25 4.56 -1.10
N ASN A 12 -0.32 5.48 -1.03
CA ASN A 12 1.08 5.13 -1.24
C ASN A 12 1.46 3.99 -0.31
N SER A 13 1.17 4.17 0.97
CA SER A 13 1.47 3.17 1.97
C SER A 13 0.74 1.87 1.64
N ALA A 14 -0.23 1.98 0.74
CA ALA A 14 -1.01 0.82 0.34
C ALA A 14 -0.30 0.12 -0.83
N LYS A 15 0.48 0.90 -1.56
CA LYS A 15 1.22 0.36 -2.69
C LYS A 15 2.33 -0.55 -2.18
N LYS A 16 2.79 -0.25 -0.97
CA LYS A 16 3.86 -1.04 -0.37
C LYS A 16 3.27 -2.36 0.15
N ARG A 17 2.03 -2.29 0.58
CA ARG A 17 1.34 -3.46 1.10
C ARG A 17 1.21 -4.53 0.01
N ILE A 18 1.03 -4.05 -1.22
CA ILE A 18 0.89 -4.94 -2.35
C ILE A 18 2.12 -5.84 -2.45
N SER A 19 3.25 -5.22 -2.73
CA SER A 19 4.51 -5.95 -2.85
C SER A 19 4.77 -6.73 -1.58
N GLU A 20 4.31 -6.18 -0.46
CA GLU A 20 4.49 -6.82 0.82
C GLU A 20 3.55 -8.02 0.96
N GLY A 21 2.45 -7.96 0.24
CA GLY A 21 1.46 -9.02 0.26
C GLY A 21 2.10 -10.36 -0.16
N ILE A 22 3.26 -10.26 -0.77
CA ILE A 22 3.98 -11.44 -1.23
C ILE A 22 4.90 -11.94 -0.11
N ALA A 23 5.64 -11.00 0.46
CA ALA A 23 6.56 -11.33 1.53
C ALA A 23 5.79 -11.89 2.72
N ILE A 24 4.49 -11.59 2.73
CA ILE A 24 3.63 -12.07 3.80
C ILE A 24 2.83 -13.28 3.31
N ALA A 25 2.57 -13.30 2.01
CA ALA A 25 1.82 -14.39 1.41
C ALA A 25 2.32 -15.72 1.99
N ILE A 26 3.64 -15.83 2.06
CA ILE A 26 4.25 -17.04 2.60
C ILE A 26 4.04 -17.09 4.11
N GLN A 27 4.16 -15.93 4.73
CA GLN A 27 3.99 -15.83 6.17
C GLN A 27 2.66 -16.44 6.59
N GLY A 28 1.59 -15.96 5.98
CA GLY A 28 0.26 -16.46 6.27
C GLY A 28 -0.52 -15.47 7.13
N GLY A 29 -0.16 -14.20 6.99
CA GLY A 29 -0.81 -13.15 7.75
C GLY A 29 0.11 -11.94 7.92
N SER A 1 -0.67 18.17 -7.24
CA SER A 1 -1.95 18.60 -6.69
C SER A 1 -1.91 18.55 -5.17
N TRP A 2 -2.99 19.03 -4.56
CA TRP A 2 -3.09 19.03 -3.11
C TRP A 2 -3.91 17.80 -2.70
N LEU A 3 -5.12 17.73 -3.24
CA LEU A 3 -6.01 16.62 -2.93
C LEU A 3 -5.49 15.35 -3.61
N SER A 4 -5.69 15.30 -4.92
CA SER A 4 -5.25 14.16 -5.70
C SER A 4 -3.90 13.65 -5.18
N LYS A 5 -3.11 14.59 -4.67
CA LYS A 5 -1.81 14.26 -4.13
C LYS A 5 -1.98 13.53 -2.80
N THR A 6 -2.64 14.21 -1.87
CA THR A 6 -2.88 13.65 -0.55
C THR A 6 -3.71 12.36 -0.66
N ALA A 7 -4.32 12.19 -1.82
CA ALA A 7 -5.15 11.02 -2.06
C ALA A 7 -4.24 9.82 -2.33
N LYS A 8 -3.02 10.12 -2.73
CA LYS A 8 -2.05 9.08 -3.03
C LYS A 8 -1.50 8.51 -1.72
N LYS A 9 -1.53 9.34 -0.69
CA LYS A 9 -1.04 8.94 0.61
C LYS A 9 -2.00 7.91 1.22
N LEU A 10 -3.28 8.10 0.92
CA LEU A 10 -4.31 7.19 1.42
C LEU A 10 -4.20 5.86 0.68
N GLU A 11 -4.21 5.95 -0.65
CA GLU A 11 -4.12 4.77 -1.49
C GLU A 11 -2.85 3.98 -1.16
N ASN A 12 -1.79 4.72 -0.87
CA ASN A 12 -0.52 4.09 -0.54
C ASN A 12 -0.69 3.23 0.70
N SER A 13 -1.76 3.50 1.44
CA SER A 13 -2.04 2.76 2.66
C SER A 13 -2.44 1.33 2.32
N ALA A 14 -2.92 1.16 1.09
CA ALA A 14 -3.34 -0.15 0.62
C ALA A 14 -2.25 -0.76 -0.25
N LYS A 15 -1.78 0.05 -1.20
CA LYS A 15 -0.73 -0.38 -2.11
C LYS A 15 0.38 -1.07 -1.31
N LYS A 16 0.49 -0.67 -0.04
CA LYS A 16 1.50 -1.24 0.82
C LYS A 16 1.06 -2.64 1.27
N ARG A 17 -0.21 -2.74 1.62
CA ARG A 17 -0.76 -4.01 2.06
C ARG A 17 -0.62 -5.06 0.97
N ILE A 18 -0.34 -4.58 -0.24
CA ILE A 18 -0.17 -5.47 -1.38
C ILE A 18 1.24 -6.06 -1.35
N SER A 19 2.22 -5.17 -1.48
CA SER A 19 3.61 -5.59 -1.48
C SER A 19 3.85 -6.60 -0.36
N GLU A 20 3.47 -6.21 0.85
CA GLU A 20 3.64 -7.07 2.00
C GLU A 20 3.09 -8.47 1.70
N GLY A 21 2.02 -8.49 0.93
CA GLY A 21 1.39 -9.76 0.56
C GLY A 21 2.43 -10.78 0.10
N ILE A 22 3.45 -10.27 -0.58
CA ILE A 22 4.51 -11.12 -1.08
C ILE A 22 5.55 -11.34 0.03
N ALA A 23 6.10 -10.23 0.50
CA ALA A 23 7.11 -10.28 1.55
C ALA A 23 6.67 -11.30 2.62
N ILE A 24 5.36 -11.46 2.73
CA ILE A 24 4.80 -12.39 3.69
C ILE A 24 4.60 -13.75 3.03
N ALA A 25 4.14 -13.70 1.79
CA ALA A 25 3.91 -14.92 1.03
C ALA A 25 5.03 -15.91 1.29
N ILE A 26 6.23 -15.37 1.43
CA ILE A 26 7.40 -16.20 1.69
C ILE A 26 7.46 -16.54 3.17
N GLN A 27 7.22 -15.52 3.99
CA GLN A 27 7.24 -15.71 5.43
C GLN A 27 6.47 -16.96 5.82
N GLY A 28 5.36 -17.18 5.14
CA GLY A 28 4.52 -18.33 5.40
C GLY A 28 3.05 -18.02 5.13
N GLY A 29 2.75 -16.73 5.09
CA GLY A 29 1.39 -16.28 4.85
C GLY A 29 1.01 -16.49 3.38
N SER A 1 -2.38 19.28 -7.03
CA SER A 1 -3.58 18.69 -6.46
C SER A 1 -3.48 18.67 -4.93
N TRP A 2 -4.60 18.98 -4.30
CA TRP A 2 -4.65 19.00 -2.85
C TRP A 2 -5.23 17.67 -2.36
N LEU A 3 -6.42 17.38 -2.86
CA LEU A 3 -7.09 16.14 -2.49
C LEU A 3 -6.39 14.96 -3.17
N SER A 4 -6.62 14.83 -4.47
CA SER A 4 -6.02 13.77 -5.24
C SER A 4 -4.59 13.51 -4.75
N LYS A 5 -3.96 14.59 -4.30
CA LYS A 5 -2.59 14.50 -3.81
C LYS A 5 -2.60 13.86 -2.41
N THR A 6 -3.37 14.47 -1.53
CA THR A 6 -3.46 13.97 -0.17
C THR A 6 -4.02 12.56 -0.14
N ALA A 7 -4.60 12.17 -1.27
CA ALA A 7 -5.18 10.84 -1.40
C ALA A 7 -4.10 9.86 -1.83
N LYS A 8 -3.24 10.33 -2.74
CA LYS A 8 -2.15 9.51 -3.25
C LYS A 8 -1.29 9.05 -2.08
N LYS A 9 -1.30 9.84 -1.02
CA LYS A 9 -0.52 9.52 0.16
C LYS A 9 -1.14 8.31 0.87
N LEU A 10 -2.46 8.31 0.92
CA LEU A 10 -3.18 7.22 1.56
C LEU A 10 -3.05 5.96 0.70
N GLU A 11 -3.44 6.10 -0.56
CA GLU A 11 -3.38 4.99 -1.49
C GLU A 11 -1.98 4.38 -1.50
N ASN A 12 -0.99 5.26 -1.41
CA ASN A 12 0.40 4.81 -1.42
C ASN A 12 0.63 3.88 -0.23
N SER A 13 0.00 4.22 0.89
CA SER A 13 0.12 3.42 2.09
C SER A 13 -0.45 2.02 1.86
N ALA A 14 -1.25 1.91 0.80
CA ALA A 14 -1.87 0.65 0.46
C ALA A 14 -1.01 -0.06 -0.59
N LYS A 15 -0.56 0.71 -1.56
CA LYS A 15 0.26 0.18 -2.63
C LYS A 15 1.30 -0.77 -2.04
N LYS A 16 1.70 -0.47 -0.81
CA LYS A 16 2.69 -1.29 -0.12
C LYS A 16 2.03 -2.59 0.33
N ARG A 17 0.89 -2.46 0.97
CA ARG A 17 0.16 -3.62 1.46
C ARG A 17 0.16 -4.73 0.41
N ILE A 18 0.20 -4.31 -0.85
CA ILE A 18 0.21 -5.25 -1.96
C ILE A 18 1.59 -5.89 -2.07
N SER A 19 2.59 -5.03 -2.17
CA SER A 19 3.97 -5.48 -2.28
C SER A 19 4.37 -6.25 -1.02
N GLU A 20 3.55 -6.10 0.01
CA GLU A 20 3.80 -6.77 1.27
C GLU A 20 3.30 -8.22 1.22
N GLY A 21 2.24 -8.42 0.46
CA GLY A 21 1.66 -9.74 0.32
C GLY A 21 2.69 -10.74 -0.18
N ILE A 22 3.75 -10.21 -0.77
CA ILE A 22 4.82 -11.04 -1.30
C ILE A 22 5.74 -11.46 -0.15
N ALA A 23 5.95 -10.54 0.77
CA ALA A 23 6.81 -10.79 1.92
C ALA A 23 6.08 -11.71 2.90
N ILE A 24 4.75 -11.66 2.84
CA ILE A 24 3.93 -12.48 3.72
C ILE A 24 3.48 -13.73 2.96
N ALA A 25 3.73 -13.72 1.66
CA ALA A 25 3.36 -14.84 0.82
C ALA A 25 3.90 -16.14 1.43
N ILE A 26 5.17 -16.08 1.81
CA ILE A 26 5.81 -17.24 2.41
C ILE A 26 5.44 -17.31 3.89
N GLN A 27 5.36 -16.14 4.51
CA GLN A 27 5.01 -16.06 5.92
C GLN A 27 3.50 -15.93 6.08
N GLY A 28 2.78 -16.56 5.17
CA GLY A 28 1.32 -16.53 5.20
C GLY A 28 0.80 -16.61 6.63
N GLY A 29 1.59 -17.28 7.48
CA GLY A 29 1.22 -17.44 8.87
C GLY A 29 1.70 -18.79 9.42
N SER A 1 -2.82 19.46 -6.31
CA SER A 1 -4.12 19.20 -5.73
C SER A 1 -3.98 18.91 -4.23
N TRP A 2 -5.11 19.00 -3.54
CA TRP A 2 -5.13 18.75 -2.11
C TRP A 2 -5.58 17.30 -1.88
N LEU A 3 -6.75 17.00 -2.41
CA LEU A 3 -7.31 15.66 -2.28
C LEU A 3 -6.53 14.69 -3.16
N SER A 4 -6.78 14.80 -4.46
CA SER A 4 -6.10 13.93 -5.42
C SER A 4 -4.64 13.73 -5.01
N LYS A 5 -4.10 14.75 -4.36
CA LYS A 5 -2.72 14.70 -3.90
C LYS A 5 -2.62 13.75 -2.69
N THR A 6 -3.43 14.06 -1.68
CA THR A 6 -3.44 13.25 -0.48
C THR A 6 -3.97 11.84 -0.78
N ALA A 7 -4.56 11.71 -1.96
CA ALA A 7 -5.10 10.43 -2.38
C ALA A 7 -3.97 9.44 -2.60
N LYS A 8 -2.86 9.96 -3.11
CA LYS A 8 -1.70 9.14 -3.38
C LYS A 8 -0.93 8.91 -2.08
N LYS A 9 -0.75 9.98 -1.34
CA LYS A 9 -0.03 9.92 -0.07
C LYS A 9 -0.77 8.96 0.87
N LEU A 10 -2.04 8.75 0.57
CA LEU A 10 -2.87 7.87 1.38
C LEU A 10 -2.78 6.44 0.83
N GLU A 11 -3.30 6.28 -0.37
CA GLU A 11 -3.29 4.97 -1.02
C GLU A 11 -1.86 4.43 -1.09
N ASN A 12 -0.91 5.34 -0.94
CA ASN A 12 0.49 4.97 -0.98
C ASN A 12 0.75 3.89 0.07
N SER A 13 0.20 4.10 1.25
CA SER A 13 0.38 3.15 2.33
C SER A 13 -0.13 1.77 1.91
N ALA A 14 -0.92 1.76 0.84
CA ALA A 14 -1.47 0.52 0.33
C ALA A 14 -0.55 -0.02 -0.77
N LYS A 15 0.24 0.88 -1.33
CA LYS A 15 1.17 0.51 -2.39
C LYS A 15 2.20 -0.47 -1.83
N LYS A 16 2.50 -0.30 -0.55
CA LYS A 16 3.47 -1.16 0.10
C LYS A 16 2.82 -2.51 0.42
N ARG A 17 1.58 -2.45 0.90
CA ARG A 17 0.84 -3.64 1.23
C ARG A 17 1.04 -4.71 0.17
N ILE A 18 1.08 -4.27 -1.08
CA ILE A 18 1.28 -5.17 -2.20
C ILE A 18 2.66 -5.81 -2.10
N SER A 19 3.67 -4.95 -2.12
CA SER A 19 5.04 -5.40 -2.04
C SER A 19 5.25 -6.22 -0.75
N GLU A 20 4.33 -6.03 0.18
CA GLU A 20 4.41 -6.73 1.45
C GLU A 20 3.68 -8.07 1.35
N GLY A 21 2.63 -8.09 0.53
CA GLY A 21 1.85 -9.29 0.34
C GLY A 21 2.74 -10.46 -0.09
N ILE A 22 3.92 -10.11 -0.57
CA ILE A 22 4.87 -11.13 -1.01
C ILE A 22 5.55 -11.75 0.20
N ALA A 23 5.84 -10.89 1.18
CA ALA A 23 6.49 -11.34 2.40
C ALA A 23 5.49 -12.15 3.24
N ILE A 24 4.24 -11.71 3.19
CA ILE A 24 3.19 -12.37 3.95
C ILE A 24 2.65 -13.54 3.12
N ALA A 25 3.07 -13.60 1.87
CA ALA A 25 2.64 -14.66 0.98
C ALA A 25 2.86 -16.01 1.66
N ILE A 26 4.05 -16.18 2.19
CA ILE A 26 4.40 -17.43 2.87
C ILE A 26 4.23 -17.25 4.38
N GLN A 27 4.38 -16.00 4.82
CA GLN A 27 4.25 -15.68 6.23
C GLN A 27 2.80 -15.32 6.55
N GLY A 28 1.90 -15.77 5.68
CA GLY A 28 0.49 -15.50 5.86
C GLY A 28 0.10 -15.56 7.35
N GLY A 29 0.82 -16.41 8.08
CA GLY A 29 0.56 -16.56 9.49
C GLY A 29 1.24 -17.82 10.04
N SER A 1 -5.15 19.90 -6.94
CA SER A 1 -5.97 18.96 -6.20
C SER A 1 -5.46 18.83 -4.76
N TRP A 2 -6.40 18.84 -3.83
CA TRP A 2 -6.08 18.74 -2.42
C TRP A 2 -6.26 17.28 -2.00
N LEU A 3 -7.46 16.77 -2.23
CA LEU A 3 -7.77 15.40 -1.87
C LEU A 3 -7.07 14.45 -2.86
N SER A 4 -7.61 14.40 -4.06
CA SER A 4 -7.05 13.54 -5.09
C SER A 4 -5.53 13.56 -5.01
N LYS A 5 -5.00 14.71 -4.57
CA LYS A 5 -3.56 14.87 -4.45
C LYS A 5 -3.07 14.03 -3.27
N THR A 6 -3.64 14.30 -2.11
CA THR A 6 -3.27 13.58 -0.90
C THR A 6 -3.69 12.12 -1.00
N ALA A 7 -4.51 11.84 -1.99
CA ALA A 7 -5.01 10.49 -2.20
C ALA A 7 -3.83 9.59 -2.60
N LYS A 8 -2.75 10.23 -3.01
CA LYS A 8 -1.55 9.49 -3.42
C LYS A 8 -0.73 9.12 -2.19
N LYS A 9 -0.71 10.05 -1.23
CA LYS A 9 0.03 9.83 -0.01
C LYS A 9 -0.40 8.51 0.62
N LEU A 10 -1.72 8.28 0.60
CA LEU A 10 -2.27 7.07 1.16
C LEU A 10 -1.96 5.89 0.24
N GLU A 11 -2.50 5.97 -0.97
CA GLU A 11 -2.29 4.92 -1.96
C GLU A 11 -0.84 4.40 -1.89
N ASN A 12 0.08 5.34 -1.69
CA ASN A 12 1.48 5.01 -1.59
C ASN A 12 1.67 3.86 -0.60
N SER A 13 1.24 4.10 0.63
CA SER A 13 1.34 3.10 1.68
C SER A 13 0.66 1.81 1.23
N ALA A 14 -0.21 1.95 0.23
CA ALA A 14 -0.93 0.80 -0.29
C ALA A 14 -0.06 0.07 -1.30
N LYS A 15 0.67 0.84 -2.09
CA LYS A 15 1.54 0.27 -3.10
C LYS A 15 2.49 -0.73 -2.44
N LYS A 16 2.75 -0.50 -1.16
CA LYS A 16 3.63 -1.38 -0.40
C LYS A 16 2.87 -2.65 -0.03
N ARG A 17 1.72 -2.46 0.61
CA ARG A 17 0.89 -3.58 1.02
C ARG A 17 0.92 -4.68 -0.04
N ILE A 18 1.07 -4.25 -1.29
CA ILE A 18 1.11 -5.18 -2.39
C ILE A 18 2.39 -6.02 -2.31
N SER A 19 3.52 -5.33 -2.31
CA SER A 19 4.81 -6.00 -2.24
C SER A 19 4.84 -6.93 -1.02
N GLU A 20 4.72 -6.32 0.15
CA GLU A 20 4.74 -7.08 1.39
C GLU A 20 3.74 -8.24 1.32
N GLY A 21 2.60 -7.96 0.68
CA GLY A 21 1.56 -8.97 0.53
C GLY A 21 2.17 -10.32 0.14
N ILE A 22 3.29 -10.26 -0.55
CA ILE A 22 3.97 -11.47 -0.98
C ILE A 22 4.84 -12.00 0.15
N ALA A 23 5.66 -11.11 0.69
CA ALA A 23 6.55 -11.47 1.79
C ALA A 23 5.73 -12.11 2.91
N ILE A 24 4.45 -11.77 2.93
CA ILE A 24 3.55 -12.30 3.94
C ILE A 24 2.85 -13.55 3.40
N ALA A 25 2.76 -13.61 2.08
CA ALA A 25 2.12 -14.73 1.42
C ALA A 25 2.62 -16.04 2.06
N ILE A 26 3.83 -15.97 2.60
CA ILE A 26 4.43 -17.13 3.24
C ILE A 26 4.25 -17.03 4.75
N GLN A 27 4.27 -15.79 5.23
CA GLN A 27 4.11 -15.53 6.65
C GLN A 27 2.75 -16.05 7.13
N GLY A 28 1.83 -16.15 6.19
CA GLY A 28 0.48 -16.62 6.50
C GLY A 28 -0.12 -15.82 7.66
N GLY A 29 -0.30 -14.53 7.41
CA GLY A 29 -0.87 -13.65 8.41
C GLY A 29 0.06 -13.52 9.62
N SER A 1 -3.81 20.33 -5.96
CA SER A 1 -4.71 19.35 -5.41
C SER A 1 -4.31 19.02 -3.98
N TRP A 2 -5.30 19.03 -3.09
CA TRP A 2 -5.06 18.73 -1.69
C TRP A 2 -5.42 17.27 -1.45
N LEU A 3 -6.67 16.93 -1.78
CA LEU A 3 -7.15 15.57 -1.61
C LEU A 3 -6.50 14.67 -2.66
N SER A 4 -6.98 14.80 -3.88
CA SER A 4 -6.46 14.01 -4.99
C SER A 4 -4.94 13.84 -4.84
N LYS A 5 -4.33 14.86 -4.25
CA LYS A 5 -2.88 14.83 -4.05
C LYS A 5 -2.55 13.91 -2.88
N THR A 6 -3.16 14.21 -1.74
CA THR A 6 -2.93 13.42 -0.54
C THR A 6 -3.41 11.99 -0.76
N ALA A 7 -4.17 11.80 -1.83
CA ALA A 7 -4.70 10.49 -2.16
C ALA A 7 -3.56 9.57 -2.59
N LYS A 8 -2.44 10.19 -2.91
CA LYS A 8 -1.26 9.45 -3.34
C LYS A 8 -0.51 8.94 -2.10
N LYS A 9 -0.57 9.74 -1.05
CA LYS A 9 0.10 9.39 0.20
C LYS A 9 -0.79 8.44 1.00
N LEU A 10 -2.07 8.43 0.65
CA LEU A 10 -3.03 7.57 1.33
C LEU A 10 -3.11 6.24 0.60
N GLU A 11 -3.18 6.32 -0.72
CA GLU A 11 -3.28 5.13 -1.55
C GLU A 11 -1.93 4.41 -1.58
N ASN A 12 -0.87 5.18 -1.33
CA ASN A 12 0.47 4.62 -1.33
C ASN A 12 0.60 3.61 -0.19
N SER A 13 -0.18 3.84 0.86
CA SER A 13 -0.17 2.96 2.01
C SER A 13 -0.69 1.58 1.63
N ALA A 14 -1.25 1.51 0.44
CA ALA A 14 -1.80 0.25 -0.06
C ALA A 14 -0.79 -0.39 -1.01
N LYS A 15 -0.22 0.45 -1.86
CA LYS A 15 0.77 -0.02 -2.83
C LYS A 15 1.83 -0.85 -2.11
N LYS A 16 2.09 -0.47 -0.86
CA LYS A 16 3.08 -1.16 -0.06
C LYS A 16 2.53 -2.53 0.35
N ARG A 17 1.27 -2.53 0.73
CA ARG A 17 0.61 -3.76 1.15
C ARG A 17 0.76 -4.83 0.07
N ILE A 18 0.87 -4.37 -1.17
CA ILE A 18 1.03 -5.27 -2.30
C ILE A 18 2.36 -6.01 -2.18
N SER A 19 3.43 -5.26 -2.35
CA SER A 19 4.77 -5.82 -2.27
C SER A 19 4.91 -6.63 -0.97
N GLU A 20 4.18 -6.20 0.04
CA GLU A 20 4.21 -6.88 1.33
C GLU A 20 3.42 -8.18 1.26
N GLY A 21 2.32 -8.14 0.52
CA GLY A 21 1.48 -9.31 0.38
C GLY A 21 2.30 -10.55 0.03
N ILE A 22 3.45 -10.30 -0.59
CA ILE A 22 4.34 -11.38 -0.97
C ILE A 22 5.24 -11.74 0.21
N ALA A 23 5.78 -10.72 0.83
CA ALA A 23 6.66 -10.91 1.97
C ALA A 23 5.89 -11.62 3.09
N ILE A 24 4.57 -11.53 3.00
CA ILE A 24 3.71 -12.15 4.00
C ILE A 24 3.29 -13.53 3.50
N ALA A 25 3.10 -13.61 2.18
CA ALA A 25 2.69 -14.86 1.56
C ALA A 25 3.53 -16.02 2.14
N ILE A 26 4.78 -15.71 2.42
CA ILE A 26 5.69 -16.70 2.97
C ILE A 26 5.47 -16.79 4.49
N GLN A 27 5.27 -15.63 5.10
CA GLN A 27 5.06 -15.56 6.53
C GLN A 27 4.03 -16.62 6.96
N GLY A 28 3.12 -16.91 6.04
CA GLY A 28 2.09 -17.90 6.32
C GLY A 28 0.77 -17.22 6.71
N GLY A 29 0.77 -15.90 6.61
CA GLY A 29 -0.41 -15.13 6.96
C GLY A 29 -0.05 -13.65 7.18
N SER A 1 -7.05 18.63 -7.34
CA SER A 1 -7.73 17.98 -6.23
C SER A 1 -6.91 18.15 -4.94
N TRP A 2 -7.61 18.15 -3.83
CA TRP A 2 -6.96 18.31 -2.53
C TRP A 2 -6.79 16.91 -1.93
N LEU A 3 -7.90 16.21 -1.80
CA LEU A 3 -7.88 14.87 -1.24
C LEU A 3 -7.25 13.91 -2.25
N SER A 4 -8.03 13.59 -3.28
CA SER A 4 -7.56 12.68 -4.31
C SER A 4 -6.08 12.95 -4.61
N LYS A 5 -5.69 14.20 -4.43
CA LYS A 5 -4.30 14.60 -4.67
C LYS A 5 -3.42 14.03 -3.56
N THR A 6 -3.75 14.41 -2.34
CA THR A 6 -2.99 13.94 -1.18
C THR A 6 -3.14 12.43 -1.03
N ALA A 7 -4.10 11.88 -1.75
CA ALA A 7 -4.35 10.45 -1.69
C ALA A 7 -3.17 9.71 -2.34
N LYS A 8 -2.40 10.46 -3.11
CA LYS A 8 -1.24 9.89 -3.78
C LYS A 8 -0.09 9.73 -2.79
N LYS A 9 -0.05 10.65 -1.84
CA LYS A 9 0.99 10.63 -0.82
C LYS A 9 0.57 9.67 0.30
N LEU A 10 -0.71 9.36 0.32
CA LEU A 10 -1.26 8.47 1.34
C LEU A 10 -1.21 7.03 0.81
N GLU A 11 -1.58 6.87 -0.45
CA GLU A 11 -1.58 5.57 -1.07
C GLU A 11 -0.17 4.97 -1.07
N ASN A 12 0.81 5.84 -0.91
CA ASN A 12 2.20 5.43 -0.87
C ASN A 12 2.39 4.38 0.23
N SER A 13 1.45 4.39 1.17
CA SER A 13 1.50 3.45 2.27
C SER A 13 1.03 2.07 1.81
N ALA A 14 0.16 2.08 0.82
CA ALA A 14 -0.36 0.83 0.28
C ALA A 14 0.66 0.23 -0.68
N LYS A 15 1.35 1.10 -1.40
CA LYS A 15 2.35 0.67 -2.36
C LYS A 15 3.28 -0.34 -1.68
N LYS A 16 3.46 -0.16 -0.38
CA LYS A 16 4.32 -1.04 0.39
C LYS A 16 3.54 -2.29 0.78
N ARG A 17 2.29 -2.07 1.17
CA ARG A 17 1.42 -3.17 1.58
C ARG A 17 1.44 -4.28 0.52
N ILE A 18 1.32 -3.85 -0.74
CA ILE A 18 1.32 -4.78 -1.85
C ILE A 18 2.54 -5.71 -1.74
N SER A 19 3.71 -5.10 -1.86
CA SER A 19 4.95 -5.86 -1.78
C SER A 19 4.85 -6.90 -0.66
N GLU A 20 4.56 -6.42 0.54
CA GLU A 20 4.43 -7.29 1.69
C GLU A 20 3.47 -8.44 1.38
N GLY A 21 2.37 -8.10 0.73
CA GLY A 21 1.38 -9.09 0.37
C GLY A 21 2.03 -10.40 -0.07
N ILE A 22 3.22 -10.26 -0.63
CA ILE A 22 3.96 -11.42 -1.10
C ILE A 22 4.68 -12.07 0.09
N ALA A 23 5.42 -11.25 0.82
CA ALA A 23 6.15 -11.74 1.98
C ALA A 23 5.18 -12.40 2.96
N ILE A 24 3.91 -12.01 2.84
CA ILE A 24 2.88 -12.56 3.70
C ILE A 24 2.25 -13.78 3.02
N ALA A 25 2.25 -13.75 1.70
CA ALA A 25 1.69 -14.84 0.92
C ALA A 25 2.14 -16.17 1.53
N ILE A 26 3.33 -16.16 2.10
CA ILE A 26 3.88 -17.35 2.72
C ILE A 26 3.44 -17.41 4.18
N GLN A 27 3.51 -16.27 4.84
CA GLN A 27 3.12 -16.19 6.24
C GLN A 27 1.78 -16.88 6.46
N GLY A 28 0.88 -16.70 5.50
CA GLY A 28 -0.43 -17.31 5.58
C GLY A 28 -1.50 -16.26 5.93
N GLY A 29 -1.29 -15.06 5.42
CA GLY A 29 -2.22 -13.97 5.67
C GLY A 29 -3.49 -14.13 4.82
N SER A 1 -5.08 19.47 -5.55
CA SER A 1 -6.24 19.10 -4.77
C SER A 1 -5.82 18.76 -3.33
N TRP A 2 -6.83 18.49 -2.52
CA TRP A 2 -6.58 18.14 -1.12
C TRP A 2 -6.61 16.63 -0.99
N LEU A 3 -7.72 16.05 -1.40
CA LEU A 3 -7.89 14.61 -1.34
C LEU A 3 -7.01 13.95 -2.41
N SER A 4 -7.46 14.06 -3.65
CA SER A 4 -6.73 13.48 -4.77
C SER A 4 -5.22 13.65 -4.55
N LYS A 5 -4.87 14.74 -3.87
CA LYS A 5 -3.48 15.03 -3.59
C LYS A 5 -2.97 14.06 -2.52
N THR A 6 -3.66 14.06 -1.40
CA THR A 6 -3.29 13.20 -0.29
C THR A 6 -3.45 11.73 -0.68
N ALA A 7 -4.17 11.51 -1.77
CA ALA A 7 -4.40 10.17 -2.26
C ALA A 7 -3.11 9.62 -2.86
N LYS A 8 -2.19 10.53 -3.17
CA LYS A 8 -0.91 10.14 -3.74
C LYS A 8 0.04 9.75 -2.61
N LYS A 9 -0.21 10.32 -1.45
CA LYS A 9 0.62 10.03 -0.29
C LYS A 9 0.09 8.80 0.43
N LEU A 10 -1.20 8.53 0.22
CA LEU A 10 -1.83 7.39 0.83
C LEU A 10 -1.73 6.19 -0.11
N GLU A 11 -2.02 6.43 -1.37
CA GLU A 11 -1.96 5.39 -2.38
C GLU A 11 -0.59 4.71 -2.36
N ASN A 12 0.43 5.51 -2.08
CA ASN A 12 1.78 5.01 -2.03
C ASN A 12 1.93 4.06 -0.84
N SER A 13 1.15 4.34 0.20
CA SER A 13 1.17 3.52 1.40
C SER A 13 0.47 2.18 1.14
N ALA A 14 -0.17 2.11 -0.01
CA ALA A 14 -0.89 0.90 -0.40
C ALA A 14 0.01 0.03 -1.27
N LYS A 15 0.77 0.71 -2.13
CA LYS A 15 1.69 0.01 -3.02
C LYS A 15 2.56 -0.95 -2.22
N LYS A 16 2.75 -0.60 -0.96
CA LYS A 16 3.57 -1.41 -0.06
C LYS A 16 2.75 -2.64 0.38
N ARG A 17 1.53 -2.37 0.81
CA ARG A 17 0.65 -3.44 1.26
C ARG A 17 0.63 -4.58 0.24
N ILE A 18 0.97 -4.24 -0.99
CA ILE A 18 1.00 -5.22 -2.07
C ILE A 18 2.27 -6.05 -1.96
N SER A 19 3.40 -5.37 -2.14
CA SER A 19 4.68 -6.04 -2.06
C SER A 19 4.75 -6.92 -0.81
N GLU A 20 4.37 -6.32 0.31
CA GLU A 20 4.38 -7.03 1.57
C GLU A 20 3.32 -8.14 1.57
N GLY A 21 2.25 -7.88 0.84
CA GLY A 21 1.17 -8.84 0.75
C GLY A 21 1.69 -10.23 0.38
N ILE A 22 2.86 -10.24 -0.25
CA ILE A 22 3.48 -11.49 -0.65
C ILE A 22 4.43 -11.97 0.44
N ALA A 23 5.17 -11.01 0.99
CA ALA A 23 6.11 -11.32 2.06
C ALA A 23 5.37 -11.99 3.22
N ILE A 24 4.08 -11.70 3.30
CA ILE A 24 3.25 -12.26 4.35
C ILE A 24 2.59 -13.55 3.84
N ALA A 25 2.49 -13.64 2.53
CA ALA A 25 1.88 -14.80 1.90
C ALA A 25 2.49 -16.07 2.50
N ILE A 26 3.70 -15.92 3.02
CA ILE A 26 4.40 -17.05 3.62
C ILE A 26 4.24 -16.97 5.14
N GLN A 27 4.07 -15.76 5.63
CA GLN A 27 3.91 -15.55 7.07
C GLN A 27 2.56 -16.10 7.53
N GLY A 28 1.63 -16.19 6.59
CA GLY A 28 0.31 -16.69 6.89
C GLY A 28 -0.39 -15.82 7.95
N GLY A 29 -0.43 -14.53 7.66
CA GLY A 29 -1.06 -13.59 8.57
C GLY A 29 -0.06 -12.54 9.05
#